data_5SSX
#
_entry.id   5SSX
#
_cell.length_a   43.494
_cell.length_b   61.640
_cell.length_c   109.579
_cell.angle_alpha   90.000
_cell.angle_beta   90.000
_cell.angle_gamma   90.000
#
_symmetry.space_group_name_H-M   'P 2 21 21'
#
loop_
_entity.id
_entity.type
_entity.pdbx_description
1 polymer 'Formylglycine-generating enzyme'
2 branched 2-acetamido-2-deoxy-beta-D-glucopyranose-(1-4)-2-acetamido-2-deoxy-beta-D-glucopyranose
3 non-polymer 'COPPER (I) ION'
4 non-polymer 'CALCIUM ION'
5 water water
#
_entity_poly.entity_id   1
_entity_poly.type   'polypeptide(L)'
_entity_poly.pdbx_seq_one_letter_code
;ADLGSSMEFEANAPGPVPGERQLAHSKMVPIPAGVFTMGTDDPQIKQDGEAPARRVTIDAFYMDAYDVSNTEFEKFVNST
GYLTEAEKFGDSFVFEGMLSEQVKTNIQQAVAAAPWWLPVKGANWRHPEGPDSTILHRPDHPVLHVSWNDAVAYCTWAGK
RLPTEAEWEYSCRGGLHNRLFPWGNKLQPKGQHYANIWQGEFPVTNTGEDGFQGTAPVDAFPPNGYGLYNIVGNAWEWTS
DWWTVHHSVEETLNPKGPPSGKDRVKKGGSYMCHRSYCYRYRCAARSQNTPDSSASNLGFRCAADRLPTMDSGRGSHHHH
HHH
;
_entity_poly.pdbx_strand_id   A
#
loop_
_chem_comp.id
_chem_comp.type
_chem_comp.name
_chem_comp.formula
CA non-polymer 'CALCIUM ION' 'Ca 2'
CU1 non-polymer 'COPPER (I) ION' 'Cu 1'
NAG D-saccharide, beta linking 2-acetamido-2-deoxy-beta-D-glucopyranose 'C8 H15 N O6'
#
# COMPACT_ATOMS: atom_id res chain seq x y z
N LEU A 23 18.43 -3.98 6.47
CA LEU A 23 19.21 -3.99 7.70
C LEU A 23 18.35 -3.44 8.87
N ALA A 24 17.55 -2.39 8.65
CA ALA A 24 16.59 -1.89 9.65
C ALA A 24 15.17 -1.76 9.05
N HIS A 25 14.70 -2.83 8.42
CA HIS A 25 13.50 -2.75 7.61
C HIS A 25 12.24 -2.83 8.46
N SER A 26 12.33 -2.87 9.78
N SER A 26 12.33 -2.95 9.79
CA SER A 26 11.16 -2.75 10.64
CA SER A 26 11.18 -2.77 10.67
C SER A 26 11.14 -1.41 11.35
C SER A 26 11.12 -1.40 11.32
N LYS A 27 12.04 -0.49 10.98
CA LYS A 27 12.12 0.78 11.69
C LYS A 27 10.93 1.66 11.43
N MET A 28 10.61 2.44 12.44
CA MET A 28 9.51 3.37 12.39
C MET A 28 10.03 4.80 12.46
N VAL A 29 9.24 5.71 11.90
CA VAL A 29 9.53 7.12 11.97
C VAL A 29 8.41 7.82 12.71
N PRO A 30 8.74 8.91 13.39
CA PRO A 30 7.72 9.69 14.10
C PRO A 30 7.01 10.60 13.12
N ILE A 31 5.70 10.43 13.01
CA ILE A 31 4.87 11.29 12.19
C ILE A 31 4.37 12.39 13.10
N PRO A 32 4.64 13.65 12.80
CA PRO A 32 4.32 14.71 13.75
C PRO A 32 2.83 14.98 13.83
N ALA A 33 2.38 15.46 14.98
CA ALA A 33 1.00 15.90 15.11
C ALA A 33 0.71 16.99 14.09
N GLY A 34 -0.50 17.02 13.55
CA GLY A 34 -0.82 18.12 12.68
C GLY A 34 -2.26 18.05 12.22
N VAL A 35 -2.60 19.04 11.42
CA VAL A 35 -3.89 19.15 10.75
C VAL A 35 -3.60 19.16 9.27
N PHE A 36 -4.42 18.45 8.50
CA PHE A 36 -4.19 18.37 7.07
C PHE A 36 -5.51 18.29 6.35
N THR A 37 -5.44 18.51 5.05
CA THR A 37 -6.59 18.33 4.16
C THR A 37 -6.55 16.93 3.58
N MET A 38 -7.53 16.14 3.96
CA MET A 38 -7.73 14.80 3.44
C MET A 38 -8.70 14.87 2.26
N GLY A 39 -8.46 14.04 1.27
CA GLY A 39 -9.25 14.10 0.06
C GLY A 39 -8.90 15.32 -0.76
N THR A 40 -9.78 15.65 -1.71
CA THR A 40 -9.52 16.75 -2.63
C THR A 40 -10.84 17.25 -3.19
N ASP A 41 -10.93 18.56 -3.36
CA ASP A 41 -12.07 19.14 -4.07
C ASP A 41 -11.87 19.13 -5.58
N ASP A 42 -10.77 18.56 -6.06
CA ASP A 42 -10.55 18.31 -7.49
C ASP A 42 -10.34 16.82 -7.71
N PRO A 43 -11.33 15.99 -7.38
CA PRO A 43 -11.16 14.55 -7.50
C PRO A 43 -10.83 14.15 -8.91
N GLN A 44 -9.93 13.19 -9.04
CA GLN A 44 -9.57 12.63 -10.33
C GLN A 44 -10.31 11.34 -10.64
N ILE A 45 -10.79 10.65 -9.62
CA ILE A 45 -11.61 9.45 -9.78
C ILE A 45 -12.80 9.67 -8.83
N LYS A 46 -13.84 10.32 -9.34
CA LYS A 46 -14.94 10.74 -8.47
C LYS A 46 -15.63 9.55 -7.82
N GLN A 47 -15.72 8.43 -8.54
N GLN A 47 -15.75 8.43 -8.54
CA GLN A 47 -16.42 7.25 -8.03
CA GLN A 47 -16.50 7.31 -7.98
C GLN A 47 -15.82 6.77 -6.73
C GLN A 47 -15.82 6.75 -6.73
N ASP A 48 -14.54 7.03 -6.51
CA ASP A 48 -13.85 6.52 -5.35
C ASP A 48 -14.01 7.39 -4.13
N GLY A 49 -14.81 8.45 -4.18
CA GLY A 49 -14.98 9.25 -2.98
C GLY A 49 -13.70 9.94 -2.56
N GLU A 50 -12.97 10.48 -3.51
CA GLU A 50 -11.81 11.32 -3.22
C GLU A 50 -12.22 12.67 -2.69
N ALA A 51 -13.44 13.12 -3.00
CA ALA A 51 -14.00 14.36 -2.50
C ALA A 51 -15.04 14.03 -1.45
N PRO A 52 -15.37 14.99 -0.59
CA PRO A 52 -14.80 16.33 -0.51
C PRO A 52 -13.51 16.39 0.28
N ALA A 53 -12.74 17.44 0.05
CA ALA A 53 -11.65 17.78 0.94
C ALA A 53 -12.20 18.11 2.32
N ARG A 54 -11.49 17.67 3.34
CA ARG A 54 -11.92 17.88 4.70
C ARG A 54 -10.69 17.99 5.60
N ARG A 55 -10.79 18.85 6.60
CA ARG A 55 -9.68 19.10 7.52
C ARG A 55 -9.70 18.09 8.65
N VAL A 56 -8.59 17.39 8.81
CA VAL A 56 -8.48 16.30 9.75
C VAL A 56 -7.28 16.56 10.65
N THR A 57 -7.47 16.39 11.95
CA THR A 57 -6.41 16.50 12.93
C THR A 57 -5.92 15.11 13.31
N ILE A 58 -4.61 14.94 13.31
CA ILE A 58 -3.96 13.66 13.58
C ILE A 58 -2.98 13.84 14.74
N ASP A 59 -3.11 13.02 15.76
CA ASP A 59 -2.13 13.03 16.84
C ASP A 59 -0.82 12.40 16.37
N ALA A 60 0.28 12.85 16.97
CA ALA A 60 1.58 12.27 16.67
C ALA A 60 1.55 10.77 16.87
N PHE A 61 2.21 10.04 15.99
CA PHE A 61 2.25 8.58 16.07
C PHE A 61 3.47 8.12 15.29
N TYR A 62 3.66 6.82 15.18
CA TYR A 62 4.79 6.23 14.47
C TYR A 62 4.29 5.44 13.29
N MET A 63 5.01 5.54 12.17
CA MET A 63 4.71 4.79 10.97
C MET A 63 5.95 4.03 10.52
N ASP A 64 5.78 2.79 10.10
CA ASP A 64 6.89 2.06 9.50
C ASP A 64 7.42 2.83 8.30
N ALA A 65 8.74 2.95 8.22
CA ALA A 65 9.38 3.62 7.08
C ALA A 65 9.20 2.81 5.81
N TYR A 66 9.10 1.50 5.93
CA TYR A 66 9.08 0.59 4.81
C TYR A 66 7.83 -0.28 4.89
N ASP A 67 7.31 -0.68 3.73
CA ASP A 67 6.38 -1.81 3.74
C ASP A 67 7.05 -3.02 4.36
N VAL A 68 6.23 -3.90 4.94
CA VAL A 68 6.75 -5.14 5.48
C VAL A 68 7.33 -5.96 4.35
N SER A 69 8.58 -6.37 4.48
CA SER A 69 9.27 -7.10 3.43
C SER A 69 9.07 -8.60 3.59
N ASN A 70 9.47 -9.34 2.57
CA ASN A 70 9.45 -10.80 2.66
C ASN A 70 10.24 -11.31 3.86
N THR A 71 11.43 -10.78 4.09
CA THR A 71 12.23 -11.21 5.23
C THR A 71 11.52 -10.92 6.53
N GLU A 72 10.94 -9.73 6.65
CA GLU A 72 10.28 -9.41 7.90
C GLU A 72 9.05 -10.29 8.11
N PHE A 73 8.29 -10.56 7.04
CA PHE A 73 7.12 -11.41 7.19
C PHE A 73 7.56 -12.82 7.54
N GLU A 74 8.67 -13.29 6.98
CA GLU A 74 9.18 -14.59 7.33
C GLU A 74 9.55 -14.71 8.79
N LYS A 75 10.08 -13.64 9.39
CA LYS A 75 10.36 -13.69 10.83
C LYS A 75 9.08 -13.92 11.60
N PHE A 76 8.00 -13.25 11.21
CA PHE A 76 6.69 -13.45 11.82
C PHE A 76 6.19 -14.88 11.66
N VAL A 77 6.26 -15.42 10.46
CA VAL A 77 5.80 -16.79 10.23
C VAL A 77 6.68 -17.77 11.00
N ASN A 78 7.98 -17.54 11.04
CA ASN A 78 8.85 -18.42 11.82
C ASN A 78 8.47 -18.40 13.29
N SER A 79 8.12 -17.24 13.82
CA SER A 79 7.81 -17.09 15.24
C SER A 79 6.47 -17.74 15.58
N THR A 80 5.46 -17.59 14.73
CA THR A 80 4.08 -17.93 15.05
C THR A 80 3.54 -19.16 14.35
N GLY A 81 4.16 -19.56 13.24
CA GLY A 81 3.60 -20.59 12.39
C GLY A 81 2.45 -20.14 11.52
N TYR A 82 2.18 -18.83 11.46
CA TYR A 82 0.98 -18.35 10.79
C TYR A 82 0.89 -18.80 9.35
N LEU A 83 -0.27 -19.32 8.99
CA LEU A 83 -0.64 -19.68 7.63
CA LEU A 83 -0.58 -19.61 7.60
C LEU A 83 -1.54 -18.56 7.07
N THR A 84 -1.15 -17.96 5.96
CA THR A 84 -1.92 -16.87 5.40
C THR A 84 -3.20 -17.37 4.76
N GLU A 85 -4.14 -16.47 4.58
CA GLU A 85 -5.41 -16.85 3.98
C GLU A 85 -5.22 -17.42 2.59
N ALA A 86 -4.33 -16.86 1.78
CA ALA A 86 -4.12 -17.39 0.45
C ALA A 86 -3.60 -18.82 0.49
N GLU A 87 -2.75 -19.14 1.46
CA GLU A 87 -2.27 -20.51 1.58
C GLU A 87 -3.38 -21.46 1.93
N LYS A 88 -4.30 -21.03 2.78
CA LYS A 88 -5.40 -21.87 3.20
C LYS A 88 -6.44 -22.00 2.11
N PHE A 89 -6.71 -20.93 1.36
CA PHE A 89 -7.66 -21.00 0.25
C PHE A 89 -7.07 -21.77 -0.91
N GLY A 90 -5.76 -21.72 -1.09
CA GLY A 90 -5.10 -22.41 -2.15
C GLY A 90 -4.89 -21.61 -3.43
N ASP A 91 -5.24 -20.33 -3.44
CA ASP A 91 -5.02 -19.52 -4.63
C ASP A 91 -4.97 -18.07 -4.21
N SER A 92 -4.53 -17.22 -5.14
CA SER A 92 -4.54 -15.78 -4.96
C SER A 92 -4.48 -15.15 -6.33
N PHE A 93 -4.81 -13.86 -6.40
CA PHE A 93 -4.86 -13.17 -7.68
C PHE A 93 -3.47 -12.73 -8.11
N VAL A 94 -3.14 -13.04 -9.36
CA VAL A 94 -1.88 -12.67 -9.98
C VAL A 94 -2.16 -11.91 -11.26
N PHE A 95 -1.41 -10.86 -11.48
CA PHE A 95 -1.49 -10.09 -12.71
C PHE A 95 -0.90 -10.92 -13.84
N GLU A 96 -1.66 -11.02 -14.92
CA GLU A 96 -1.28 -11.89 -16.04
C GLU A 96 0.09 -11.52 -16.60
N GLY A 97 0.45 -10.25 -16.60
CA GLY A 97 1.74 -9.83 -17.14
C GLY A 97 2.94 -10.33 -16.37
N MET A 98 2.77 -10.84 -15.14
N MET A 98 2.72 -10.78 -15.13
CA MET A 98 3.89 -11.38 -14.36
CA MET A 98 3.79 -11.31 -14.29
C MET A 98 4.04 -12.86 -14.49
C MET A 98 4.06 -12.79 -14.54
N LEU A 99 3.14 -13.51 -15.19
CA LEU A 99 3.29 -14.93 -15.39
C LEU A 99 4.43 -15.19 -16.38
N SER A 100 5.09 -16.32 -16.18
CA SER A 100 6.21 -16.75 -17.01
C SER A 100 5.83 -16.97 -18.48
N VAL A 111 -13.85 -14.28 -8.21
CA VAL A 111 -14.19 -13.48 -9.39
C VAL A 111 -13.16 -12.36 -9.64
N ALA A 112 -12.44 -12.47 -10.76
CA ALA A 112 -11.39 -11.52 -11.08
C ALA A 112 -11.95 -10.12 -11.36
N ALA A 113 -11.19 -9.11 -10.96
CA ALA A 113 -11.60 -7.72 -11.09
C ALA A 113 -11.42 -7.16 -12.50
N ALA A 114 -10.65 -7.81 -13.34
CA ALA A 114 -10.36 -7.38 -14.69
C ALA A 114 -9.77 -8.58 -15.41
N PRO A 115 -9.75 -8.57 -16.74
CA PRO A 115 -9.20 -9.73 -17.46
C PRO A 115 -7.77 -10.01 -17.16
N TRP A 116 -7.01 -9.03 -16.69
CA TRP A 116 -5.60 -9.23 -16.38
C TRP A 116 -5.36 -9.76 -14.98
N TRP A 117 -6.40 -10.02 -14.20
CA TRP A 117 -6.26 -10.65 -12.90
C TRP A 117 -6.72 -12.09 -12.99
N LEU A 118 -5.83 -13.01 -12.67
CA LEU A 118 -6.12 -14.43 -12.72
C LEU A 118 -6.02 -15.05 -11.34
N PRO A 119 -6.98 -15.88 -10.93
CA PRO A 119 -6.83 -16.65 -9.69
C PRO A 119 -5.87 -17.80 -9.96
N VAL A 120 -4.71 -17.77 -9.34
CA VAL A 120 -3.67 -18.75 -9.61
C VAL A 120 -3.54 -19.67 -8.42
N LYS A 121 -3.73 -20.96 -8.69
CA LYS A 121 -3.56 -21.97 -7.66
C LYS A 121 -2.12 -21.97 -7.18
N GLY A 122 -1.95 -21.94 -5.88
CA GLY A 122 -0.63 -22.00 -5.31
C GLY A 122 0.13 -20.69 -5.33
N ALA A 123 -0.49 -19.58 -5.75
CA ALA A 123 0.13 -18.27 -5.57
C ALA A 123 -0.12 -17.78 -4.14
N ASN A 124 0.95 -17.30 -3.49
CA ASN A 124 0.88 -16.84 -2.10
C ASN A 124 2.17 -16.09 -1.83
N TRP A 125 2.35 -15.66 -0.60
CA TRP A 125 3.46 -14.74 -0.33
C TRP A 125 4.81 -15.36 -0.64
N ARG A 126 4.96 -16.67 -0.50
CA ARG A 126 6.23 -17.31 -0.82
CA ARG A 126 6.25 -17.30 -0.82
C ARG A 126 6.40 -17.62 -2.29
N HIS A 127 5.30 -17.55 -3.04
CA HIS A 127 5.24 -17.99 -4.43
C HIS A 127 4.42 -16.97 -5.19
N PRO A 128 4.96 -15.78 -5.41
CA PRO A 128 4.10 -14.64 -5.76
C PRO A 128 3.48 -14.70 -7.14
N GLU A 129 3.99 -15.52 -8.05
CA GLU A 129 3.37 -15.76 -9.35
C GLU A 129 2.80 -17.15 -9.49
N GLY A 130 2.77 -17.95 -8.43
CA GLY A 130 2.39 -19.34 -8.53
C GLY A 130 3.47 -20.27 -8.03
N PRO A 131 3.18 -21.58 -8.03
CA PRO A 131 4.02 -22.53 -7.28
C PRO A 131 5.44 -22.64 -7.76
N ASP A 132 5.73 -22.23 -8.98
CA ASP A 132 7.08 -22.31 -9.51
C ASP A 132 7.84 -21.00 -9.38
N SER A 133 7.33 -20.06 -8.64
CA SER A 133 8.04 -18.82 -8.36
C SER A 133 8.54 -18.86 -6.93
N THR A 134 9.38 -17.88 -6.61
N THR A 134 9.57 -18.05 -6.62
CA THR A 134 10.06 -17.87 -5.34
CA THR A 134 10.07 -17.96 -5.25
C THR A 134 10.36 -16.45 -4.88
C THR A 134 10.30 -16.51 -4.86
N ILE A 135 10.57 -16.32 -3.57
CA ILE A 135 11.02 -15.06 -3.01
C ILE A 135 12.49 -15.08 -2.62
N LEU A 136 13.22 -16.14 -2.95
CA LEU A 136 14.60 -16.24 -2.47
C LEU A 136 15.48 -15.14 -3.01
N HIS A 137 15.20 -14.65 -4.22
CA HIS A 137 16.00 -13.61 -4.83
C HIS A 137 15.48 -12.20 -4.51
N ARG A 138 14.39 -12.09 -3.75
CA ARG A 138 13.76 -10.80 -3.49
C ARG A 138 13.36 -10.68 -2.01
N PRO A 139 14.30 -10.93 -1.11
CA PRO A 139 13.96 -10.90 0.33
C PRO A 139 13.53 -9.54 0.83
N ASP A 140 14.05 -8.49 0.21
CA ASP A 140 13.81 -7.14 0.64
C ASP A 140 12.67 -6.46 -0.11
N HIS A 141 11.95 -7.18 -0.93
CA HIS A 141 10.77 -6.64 -1.60
C HIS A 141 9.58 -6.73 -0.65
N PRO A 142 8.53 -5.93 -0.89
CA PRO A 142 7.34 -6.02 -0.03
C PRO A 142 6.73 -7.41 -0.11
N VAL A 143 6.26 -7.89 1.04
CA VAL A 143 5.47 -9.11 1.05
C VAL A 143 4.15 -8.86 0.34
N LEU A 144 3.72 -9.84 -0.44
CA LEU A 144 2.54 -9.76 -1.27
C LEU A 144 1.59 -10.91 -0.90
N HIS A 145 0.39 -10.90 -1.50
CA HIS A 145 -0.58 -11.95 -1.25
C HIS A 145 -0.96 -12.06 0.21
N VAL A 146 -0.96 -10.94 0.90
CA VAL A 146 -1.36 -10.83 2.29
C VAL A 146 -2.71 -10.14 2.33
N SER A 147 -3.64 -10.79 3.02
CA SER A 147 -4.95 -10.24 3.20
C SER A 147 -4.95 -9.21 4.33
N TRP A 148 -6.09 -8.56 4.52
CA TRP A 148 -6.22 -7.62 5.62
C TRP A 148 -6.03 -8.32 6.95
N ASN A 149 -6.61 -9.51 7.09
CA ASN A 149 -6.43 -10.28 8.32
C ASN A 149 -4.98 -10.68 8.53
N ASP A 150 -4.28 -11.06 7.46
CA ASP A 150 -2.88 -11.41 7.59
C ASP A 150 -2.08 -10.20 8.07
N ALA A 151 -2.40 -9.02 7.53
CA ALA A 151 -1.69 -7.80 7.86
C ALA A 151 -1.93 -7.42 9.31
N VAL A 152 -3.17 -7.54 9.79
CA VAL A 152 -3.46 -7.26 11.19
C VAL A 152 -2.71 -8.23 12.08
N ALA A 153 -2.65 -9.50 11.70
CA ALA A 153 -1.94 -10.49 12.50
C ALA A 153 -0.47 -10.12 12.62
N TYR A 154 0.18 -9.77 11.51
CA TYR A 154 1.59 -9.37 11.56
C TYR A 154 1.76 -8.15 12.42
N CYS A 155 0.98 -7.11 12.14
CA CYS A 155 1.22 -5.86 12.85
C CYS A 155 1.04 -6.04 14.34
N THR A 156 -0.01 -6.76 14.74
CA THR A 156 -0.21 -6.96 16.16
CA THR A 156 -0.24 -7.03 16.15
C THR A 156 0.90 -7.82 16.77
N TRP A 157 1.37 -8.85 16.05
CA TRP A 157 2.52 -9.61 16.53
C TRP A 157 3.73 -8.70 16.75
N ALA A 158 3.90 -7.71 15.89
CA ALA A 158 5.03 -6.78 15.95
C ALA A 158 4.84 -5.69 17.00
N GLY A 159 3.76 -5.70 17.76
CA GLY A 159 3.49 -4.67 18.73
C GLY A 159 2.93 -3.40 18.13
N LYS A 160 2.32 -3.52 16.96
CA LYS A 160 1.90 -2.40 16.11
C LYS A 160 0.45 -2.64 15.71
N ARG A 161 0.01 -1.91 14.69
CA ARG A 161 -1.36 -1.97 14.19
C ARG A 161 -1.33 -1.48 12.75
N LEU A 162 -2.42 -1.62 12.02
CA LEU A 162 -2.52 -0.92 10.75
C LEU A 162 -2.78 0.56 10.99
N PRO A 163 -2.33 1.41 10.07
CA PRO A 163 -2.73 2.81 10.13
C PRO A 163 -4.17 2.97 9.69
N THR A 164 -4.83 4.00 10.20
CA THR A 164 -6.10 4.41 9.64
C THR A 164 -5.87 5.02 8.25
N GLU A 165 -6.94 5.17 7.48
CA GLU A 165 -6.80 5.83 6.18
C GLU A 165 -6.31 7.24 6.36
N ALA A 166 -6.86 7.98 7.34
CA ALA A 166 -6.42 9.36 7.56
C ALA A 166 -4.96 9.43 7.98
N GLU A 167 -4.54 8.56 8.88
CA GLU A 167 -3.13 8.52 9.24
C GLU A 167 -2.28 8.22 8.02
N TRP A 168 -2.70 7.26 7.22
CA TRP A 168 -1.95 6.88 6.04
C TRP A 168 -1.83 8.06 5.09
N GLU A 169 -2.94 8.73 4.80
CA GLU A 169 -2.92 9.80 3.83
C GLU A 169 -2.11 10.98 4.35
N TYR A 170 -2.27 11.33 5.62
CA TYR A 170 -1.45 12.37 6.22
C TYR A 170 0.02 12.05 6.06
N SER A 171 0.38 10.81 6.35
N SER A 171 0.40 10.80 6.34
CA SER A 171 1.77 10.38 6.27
CA SER A 171 1.81 10.44 6.28
C SER A 171 2.27 10.42 4.83
C SER A 171 2.31 10.39 4.84
N CYS A 172 1.45 9.96 3.91
CA CYS A 172 1.78 9.97 2.49
C CYS A 172 2.13 11.39 2.02
N ARG A 173 1.32 12.35 2.46
CA ARG A 173 1.48 13.73 2.00
C ARG A 173 2.80 14.33 2.47
N GLY A 174 3.40 13.80 3.53
CA GLY A 174 4.77 14.16 3.84
C GLY A 174 4.96 15.61 4.14
N GLY A 175 3.97 16.25 4.75
CA GLY A 175 4.07 17.62 5.20
C GLY A 175 3.76 18.64 4.14
N LEU A 176 3.32 18.23 2.96
CA LEU A 176 2.90 19.16 1.92
C LEU A 176 1.38 19.22 1.87
N HIS A 177 0.88 20.37 1.44
CA HIS A 177 -0.55 20.64 1.40
C HIS A 177 -1.09 20.52 -0.03
N ASN A 178 -2.13 19.70 -0.18
CA ASN A 178 -2.92 19.63 -1.40
CA ASN A 178 -2.94 19.59 -1.41
C ASN A 178 -2.10 19.34 -2.66
N ARG A 179 -1.09 18.48 -2.54
CA ARG A 179 -0.30 18.04 -3.68
C ARG A 179 -0.80 16.69 -4.16
N LEU A 180 -0.50 16.38 -5.43
CA LEU A 180 -0.90 15.10 -6.00
C LEU A 180 -0.14 13.96 -5.34
N PHE A 181 1.16 14.13 -5.19
CA PHE A 181 2.07 13.08 -4.83
C PHE A 181 2.79 13.45 -3.54
N PRO A 182 3.46 12.49 -2.90
CA PRO A 182 4.18 12.78 -1.65
C PRO A 182 5.17 13.91 -1.80
N TRP A 183 5.73 14.09 -2.99
CA TRP A 183 6.82 15.02 -3.25
C TRP A 183 6.36 16.30 -3.92
N GLY A 184 5.11 16.43 -4.36
CA GLY A 184 4.70 17.57 -5.14
C GLY A 184 3.73 17.18 -6.23
N ASN A 185 3.67 18.01 -7.27
CA ASN A 185 2.69 17.84 -8.33
C ASN A 185 3.25 17.34 -9.64
N LYS A 186 4.56 17.20 -9.79
CA LYS A 186 5.13 16.68 -11.02
CA LYS A 186 5.16 16.68 -11.02
C LYS A 186 5.47 15.21 -10.81
N LEU A 187 5.17 14.39 -11.81
CA LEU A 187 5.44 12.97 -11.66
C LEU A 187 6.92 12.67 -11.58
N GLN A 188 7.74 13.37 -12.37
CA GLN A 188 9.18 13.11 -12.46
C GLN A 188 9.94 14.38 -12.14
N PRO A 189 10.00 14.75 -10.88
CA PRO A 189 10.69 16.00 -10.53
C PRO A 189 12.15 15.90 -10.91
N LYS A 190 12.65 16.96 -11.54
CA LYS A 190 14.05 17.03 -11.92
C LYS A 190 14.44 15.87 -12.83
N GLY A 191 13.47 15.36 -13.59
CA GLY A 191 13.73 14.27 -14.50
C GLY A 191 14.00 12.94 -13.84
N GLN A 192 13.64 12.78 -12.57
CA GLN A 192 13.91 11.57 -11.78
CA GLN A 192 13.91 11.53 -11.88
C GLN A 192 12.62 10.82 -11.48
N HIS A 193 12.68 9.50 -11.52
CA HIS A 193 11.57 8.69 -11.02
C HIS A 193 11.58 8.70 -9.50
N TYR A 194 10.41 8.91 -8.92
CA TYR A 194 10.24 8.99 -7.49
C TYR A 194 9.40 7.86 -6.92
N ALA A 195 8.84 7.01 -7.76
CA ALA A 195 8.01 5.89 -7.33
C ALA A 195 7.99 4.85 -8.43
N ASN A 196 7.70 3.61 -8.05
CA ASN A 196 7.63 2.47 -8.94
C ASN A 196 6.20 2.27 -9.40
N ILE A 197 5.90 2.73 -10.61
CA ILE A 197 4.62 2.52 -11.27
C ILE A 197 4.91 1.94 -12.65
N TRP A 198 3.93 1.96 -13.54
CA TRP A 198 4.08 1.41 -14.88
C TRP A 198 4.56 2.50 -15.84
N GLN A 199 5.42 2.15 -16.77
CA GLN A 199 5.67 2.99 -17.94
C GLN A 199 5.44 2.13 -19.18
N GLY A 200 4.86 2.74 -20.20
CA GLY A 200 4.47 2.03 -21.40
C GLY A 200 2.97 1.89 -21.50
N GLU A 201 2.54 0.95 -22.31
CA GLU A 201 1.13 0.75 -22.62
C GLU A 201 0.60 -0.41 -21.78
N PHE A 202 -0.19 -0.10 -20.77
CA PHE A 202 -0.73 -1.14 -19.91
C PHE A 202 -1.90 -1.83 -20.62
N PRO A 203 -2.00 -3.17 -20.54
CA PRO A 203 -1.15 -4.13 -19.81
C PRO A 203 -0.11 -4.83 -20.66
N VAL A 204 0.05 -4.43 -21.92
CA VAL A 204 0.86 -5.23 -22.82
CA VAL A 204 0.85 -5.18 -22.88
C VAL A 204 2.35 -4.98 -22.66
N THR A 205 2.77 -3.75 -22.39
CA THR A 205 4.19 -3.42 -22.36
C THR A 205 4.49 -2.54 -21.16
N ASN A 206 5.29 -3.06 -20.23
CA ASN A 206 5.89 -2.28 -19.16
C ASN A 206 7.35 -2.13 -19.53
N THR A 207 7.78 -0.90 -19.79
CA THR A 207 9.14 -0.69 -20.24
C THR A 207 10.16 -0.84 -19.12
N GLY A 208 9.74 -0.75 -17.84
CA GLY A 208 10.72 -0.80 -16.79
C GLY A 208 11.64 0.40 -16.74
N GLU A 209 11.19 1.53 -17.30
CA GLU A 209 11.98 2.74 -17.32
C GLU A 209 12.41 3.17 -15.92
N ASP A 210 11.54 3.01 -14.92
CA ASP A 210 11.87 3.42 -13.55
C ASP A 210 12.76 2.43 -12.82
N GLY A 211 13.20 1.37 -13.49
CA GLY A 211 14.10 0.41 -12.91
C GLY A 211 13.49 -0.87 -12.40
N PHE A 212 12.15 -1.00 -12.43
CA PHE A 212 11.47 -2.15 -11.85
C PHE A 212 10.22 -2.46 -12.64
N GLN A 213 10.12 -3.71 -13.09
CA GLN A 213 8.88 -4.12 -13.71
CA GLN A 213 8.93 -4.29 -13.72
C GLN A 213 7.86 -4.61 -12.68
N GLY A 214 8.21 -5.50 -11.79
CA GLY A 214 7.41 -5.85 -10.64
C GLY A 214 7.77 -4.94 -9.49
N THR A 215 7.75 -5.47 -8.28
CA THR A 215 8.10 -4.66 -7.13
C THR A 215 9.57 -4.28 -7.14
N ALA A 216 9.86 -3.27 -6.37
CA ALA A 216 11.19 -2.82 -5.99
C ALA A 216 11.43 -3.17 -4.52
N PRO A 217 12.69 -3.21 -4.09
CA PRO A 217 12.96 -3.30 -2.65
C PRO A 217 12.20 -2.22 -1.88
N VAL A 218 11.88 -2.56 -0.63
CA VAL A 218 11.08 -1.66 0.19
C VAL A 218 11.78 -0.35 0.47
N ASP A 219 13.10 -0.30 0.34
CA ASP A 219 13.88 0.92 0.55
C ASP A 219 14.31 1.61 -0.74
N ALA A 220 13.70 1.25 -1.87
CA ALA A 220 13.98 1.92 -3.13
C ALA A 220 13.34 3.30 -3.14
N PHE A 221 13.87 4.16 -4.02
CA PHE A 221 13.36 5.49 -4.37
C PHE A 221 13.55 6.46 -3.24
N PRO A 222 13.39 7.76 -3.47
CA PRO A 222 13.61 8.72 -2.40
C PRO A 222 12.56 8.60 -1.33
N PRO A 223 12.89 8.91 -0.09
CA PRO A 223 11.86 9.01 0.94
C PRO A 223 11.02 10.27 0.73
N ASN A 224 9.82 10.29 1.30
CA ASN A 224 9.04 11.52 1.36
C ASN A 224 9.51 12.36 2.53
N GLY A 225 8.82 13.47 2.77
CA GLY A 225 9.26 14.42 3.77
C GLY A 225 9.25 13.89 5.18
N TYR A 226 8.51 12.83 5.45
CA TYR A 226 8.50 12.20 6.77
C TYR A 226 9.42 10.99 6.87
N GLY A 227 10.14 10.66 5.82
CA GLY A 227 11.05 9.54 5.87
C GLY A 227 10.45 8.21 5.45
N LEU A 228 9.32 8.23 4.75
CA LEU A 228 8.66 7.02 4.30
C LEU A 228 9.10 6.67 2.89
N TYR A 229 9.28 5.39 2.64
CA TYR A 229 9.69 4.85 1.35
C TYR A 229 8.53 4.14 0.68
N ASN A 230 8.38 4.40 -0.60
CA ASN A 230 7.38 3.75 -1.46
C ASN A 230 5.98 3.85 -0.90
N ILE A 231 5.65 5.02 -0.38
CA ILE A 231 4.31 5.23 0.15
C ILE A 231 3.30 5.25 -0.99
N VAL A 232 3.65 5.84 -2.15
CA VAL A 232 2.90 5.60 -3.37
C VAL A 232 3.69 4.71 -4.31
N GLY A 233 2.97 3.96 -5.11
CA GLY A 233 3.57 2.98 -5.99
C GLY A 233 4.05 1.75 -5.26
N ASN A 234 4.67 0.85 -6.03
CA ASN A 234 5.29 -0.38 -5.53
C ASN A 234 4.21 -1.41 -5.21
N ALA A 235 3.60 -1.31 -4.03
CA ALA A 235 2.50 -2.20 -3.64
C ALA A 235 1.42 -1.38 -2.97
N TRP A 236 0.16 -1.73 -3.20
CA TRP A 236 -0.93 -1.18 -2.42
C TRP A 236 -0.71 -1.50 -0.95
N GLU A 237 -1.33 -0.71 -0.09
CA GLU A 237 -1.18 -0.86 1.35
C GLU A 237 -2.54 -0.88 2.03
N TRP A 238 -2.78 -1.92 2.82
CA TRP A 238 -3.99 -2.00 3.62
C TRP A 238 -4.00 -0.92 4.70
N THR A 239 -5.19 -0.42 4.98
CA THR A 239 -5.46 0.43 6.14
C THR A 239 -6.54 -0.21 6.99
N SER A 240 -6.76 0.34 8.18
CA SER A 240 -7.72 -0.27 9.08
C SER A 240 -9.17 0.07 8.76
N ASP A 241 -9.45 1.07 7.96
CA ASP A 241 -10.81 1.56 7.81
C ASP A 241 -11.69 0.65 6.95
N TRP A 242 -12.97 0.55 7.33
CA TRP A 242 -13.99 0.13 6.37
C TRP A 242 -14.13 1.18 5.28
N TRP A 243 -14.45 0.72 4.08
CA TRP A 243 -14.66 1.57 2.92
C TRP A 243 -16.05 2.16 2.88
N THR A 244 -16.10 3.47 2.62
CA THR A 244 -17.27 4.19 2.18
C THR A 244 -16.78 5.23 1.18
N VAL A 245 -17.70 5.69 0.34
CA VAL A 245 -17.45 6.84 -0.52
C VAL A 245 -18.15 8.07 -0.04
N HIS A 246 -18.87 8.00 1.07
CA HIS A 246 -19.64 9.13 1.55
C HIS A 246 -18.91 9.74 2.72
N HIS A 247 -18.32 10.91 2.49
CA HIS A 247 -17.59 11.66 3.51
C HIS A 247 -18.21 13.03 3.76
N SER A 248 -18.14 13.42 5.02
CA SER A 248 -18.58 14.73 5.50
C SER A 248 -17.44 15.73 5.37
N VAL A 249 -17.80 17.01 5.20
CA VAL A 249 -16.79 18.08 5.26
C VAL A 249 -16.47 18.48 6.69
N GLU A 250 -17.11 17.87 7.67
CA GLU A 250 -16.87 18.26 9.06
C GLU A 250 -15.42 18.01 9.43
N GLU A 251 -14.86 18.91 10.23
CA GLU A 251 -13.53 18.69 10.77
C GLU A 251 -13.57 17.55 11.78
N THR A 252 -12.57 16.66 11.72
CA THR A 252 -12.52 15.49 12.59
C THR A 252 -11.14 15.32 13.21
N LEU A 253 -11.11 14.50 14.26
CA LEU A 253 -9.93 14.22 15.05
C LEU A 253 -9.69 12.71 15.05
N ASN A 254 -8.54 12.28 14.56
CA ASN A 254 -8.17 10.88 14.54
C ASN A 254 -9.30 9.98 14.02
N PRO A 255 -9.90 10.31 12.88
CA PRO A 255 -11.05 9.53 12.43
C PRO A 255 -10.68 8.11 12.06
N LYS A 256 -11.62 7.20 12.26
CA LYS A 256 -11.39 5.77 12.06
C LYS A 256 -12.17 5.20 10.90
N GLY A 257 -12.90 6.01 10.15
CA GLY A 257 -13.74 5.53 9.10
C GLY A 257 -15.08 5.07 9.65
N PRO A 258 -15.93 4.58 8.77
CA PRO A 258 -17.28 4.21 9.17
C PRO A 258 -17.26 2.97 10.05
N PRO A 259 -18.27 2.80 10.89
CA PRO A 259 -18.25 1.69 11.86
C PRO A 259 -18.51 0.32 11.24
N SER A 260 -19.04 0.26 10.02
CA SER A 260 -19.31 -0.99 9.37
C SER A 260 -19.03 -0.86 7.89
N GLY A 261 -18.97 -2.01 7.22
CA GLY A 261 -18.73 -2.06 5.81
C GLY A 261 -18.53 -3.49 5.36
N LYS A 262 -18.19 -3.63 4.10
CA LYS A 262 -17.88 -4.91 3.52
C LYS A 262 -16.46 -5.02 3.03
N ASP A 263 -15.85 -3.91 2.65
CA ASP A 263 -14.49 -3.91 2.16
CA ASP A 263 -14.49 -3.88 2.14
C ASP A 263 -13.65 -2.97 3.03
N ARG A 264 -12.36 -3.27 3.15
CA ARG A 264 -11.44 -2.38 3.83
C ARG A 264 -10.71 -1.52 2.80
N VAL A 265 -10.25 -0.35 3.23
CA VAL A 265 -9.60 0.62 2.36
C VAL A 265 -8.14 0.26 2.17
N LYS A 266 -7.67 0.34 0.93
CA LYS A 266 -6.25 0.25 0.59
C LYS A 266 -5.84 1.54 -0.12
N LYS A 267 -4.56 1.86 -0.01
CA LYS A 267 -4.03 3.14 -0.45
C LYS A 267 -2.72 2.96 -1.21
N GLY A 268 -2.44 3.93 -2.06
CA GLY A 268 -1.11 4.19 -2.57
C GLY A 268 -0.78 3.68 -3.96
N GLY A 269 -1.56 2.80 -4.52
CA GLY A 269 -1.24 2.26 -5.82
C GLY A 269 -0.07 1.29 -5.77
N SER A 270 0.35 0.87 -6.97
CA SER A 270 1.32 -0.21 -7.07
C SER A 270 2.17 -0.03 -8.33
N TYR A 271 3.07 -0.98 -8.55
CA TYR A 271 3.91 -1.04 -9.74
C TYR A 271 3.10 -1.16 -11.02
N MET A 272 1.81 -1.49 -10.93
CA MET A 272 0.95 -1.57 -12.09
C MET A 272 0.30 -0.26 -12.48
N CYS A 273 0.31 0.77 -11.64
CA CYS A 273 -0.50 1.94 -11.93
C CYS A 273 0.00 2.69 -13.15
N HIS A 274 -0.93 3.28 -13.88
CA HIS A 274 -0.60 4.19 -14.95
C HIS A 274 -1.75 5.15 -15.11
N ARG A 275 -1.41 6.40 -15.45
CA ARG A 275 -2.38 7.45 -15.70
C ARG A 275 -3.47 7.03 -16.67
N SER A 276 -3.16 6.13 -17.60
CA SER A 276 -4.07 5.78 -18.69
C SER A 276 -5.26 4.99 -18.21
N TYR A 277 -5.16 4.30 -17.08
CA TYR A 277 -6.26 3.43 -16.66
C TYR A 277 -6.45 3.34 -15.13
N CYS A 278 -5.45 3.68 -14.30
CA CYS A 278 -5.51 3.47 -12.85
C CYS A 278 -4.59 4.49 -12.20
N TYR A 279 -5.10 5.70 -12.06
CA TYR A 279 -4.34 6.87 -11.62
C TYR A 279 -4.39 6.97 -10.10
N ARG A 280 -3.83 5.95 -9.42
CA ARG A 280 -4.05 5.80 -7.99
C ARG A 280 -2.77 5.85 -7.17
N TYR A 281 -1.73 6.44 -7.74
CA TYR A 281 -0.47 6.72 -7.06
C TYR A 281 -0.43 8.14 -6.52
N ARG A 282 -1.58 8.67 -6.17
CA ARG A 282 -1.76 9.94 -5.51
C ARG A 282 -2.14 9.67 -4.05
N CYS A 283 -1.75 10.56 -3.15
CA CYS A 283 -2.11 10.35 -1.75
CA CYS A 283 -2.11 10.47 -1.73
C CYS A 283 -3.62 10.33 -1.54
N ALA A 284 -4.36 11.11 -2.31
CA ALA A 284 -5.81 11.17 -2.15
C ALA A 284 -6.53 9.96 -2.72
N ALA A 285 -5.88 9.22 -3.61
CA ALA A 285 -6.53 8.08 -4.22
C ALA A 285 -6.84 7.01 -3.19
N ARG A 286 -7.75 6.12 -3.55
CA ARG A 286 -8.18 5.11 -2.60
C ARG A 286 -8.92 4.01 -3.34
N SER A 287 -8.80 2.79 -2.82
CA SER A 287 -9.56 1.68 -3.35
CA SER A 287 -9.54 1.66 -3.36
C SER A 287 -9.87 0.72 -2.21
N GLN A 288 -10.41 -0.43 -2.54
CA GLN A 288 -10.93 -1.27 -1.49
C GLN A 288 -10.88 -2.71 -1.91
N ASN A 289 -10.93 -3.59 -0.92
CA ASN A 289 -11.04 -5.02 -1.17
C ASN A 289 -11.65 -5.67 0.06
N THR A 290 -12.30 -6.82 -0.15
CA THR A 290 -12.80 -7.55 1.01
C THR A 290 -11.60 -8.01 1.84
N PRO A 291 -11.77 -8.13 3.15
CA PRO A 291 -10.61 -8.33 4.00
C PRO A 291 -9.91 -9.67 3.82
N ASP A 292 -10.58 -10.66 3.25
CA ASP A 292 -9.94 -11.95 2.97
C ASP A 292 -9.28 -12.00 1.60
N SER A 293 -9.27 -10.88 0.87
CA SER A 293 -8.70 -10.75 -0.46
C SER A 293 -7.19 -10.71 -0.38
N SER A 294 -6.53 -11.13 -1.46
CA SER A 294 -5.10 -10.95 -1.59
C SER A 294 -4.73 -10.89 -3.07
N ALA A 295 -3.57 -10.32 -3.35
CA ALA A 295 -3.15 -10.12 -4.73
C ALA A 295 -1.65 -9.89 -4.81
N SER A 296 -1.15 -10.02 -6.03
CA SER A 296 0.26 -9.87 -6.32
C SER A 296 0.76 -8.44 -6.30
N ASN A 297 -0.08 -7.46 -5.99
CA ASN A 297 0.33 -6.07 -5.93
C ASN A 297 -0.10 -5.39 -4.65
N LEU A 298 -0.37 -6.17 -3.58
CA LEU A 298 -0.98 -5.65 -2.36
C LEU A 298 -0.22 -6.17 -1.16
N GLY A 299 0.29 -5.25 -0.38
CA GLY A 299 1.03 -5.46 0.84
C GLY A 299 0.53 -4.52 1.94
N PHE A 300 1.45 -4.12 2.82
CA PHE A 300 1.08 -3.27 3.95
C PHE A 300 2.31 -2.77 4.67
N ARG A 301 2.09 -1.74 5.48
CA ARG A 301 3.02 -1.29 6.50
C ARG A 301 2.24 -1.09 7.80
N CYS A 302 2.96 -1.09 8.90
CA CYS A 302 2.35 -0.91 10.21
C CYS A 302 2.55 0.50 10.75
N ALA A 303 1.78 0.81 11.80
CA ALA A 303 1.83 2.04 12.55
C ALA A 303 1.72 1.70 14.02
N ALA A 304 1.96 2.68 14.88
CA ALA A 304 1.84 2.47 16.32
C ALA A 304 1.68 3.80 17.01
N ASP A 305 0.95 3.80 18.12
CA ASP A 305 0.79 5.01 18.90
C ASP A 305 2.10 5.42 19.54
N ARG A 306 2.88 4.44 19.98
CA ARG A 306 4.16 4.66 20.64
C ARG A 306 5.11 3.58 20.12
N LEU A 307 6.40 3.77 20.35
CA LEU A 307 7.34 2.77 19.88
C LEU A 307 7.09 1.44 20.57
N PRO A 308 7.14 0.33 19.85
CA PRO A 308 7.07 -0.98 20.47
C PRO A 308 8.43 -1.29 21.09
N THR A 309 8.45 -2.40 21.79
CA THR A 309 9.64 -2.71 22.58
CA THR A 309 9.63 -2.78 22.56
C THR A 309 10.83 -2.85 21.64
N MET A 310 11.98 -2.37 22.11
CA MET A 310 13.16 -2.36 21.27
C MET A 310 14.44 -2.47 22.06
C1 NAG B . 13.03 -18.68 9.16
C2 NAG B . 14.32 -17.90 8.94
C3 NAG B . 15.27 -18.69 8.04
C4 NAG B . 15.54 -20.07 8.62
C5 NAG B . 14.21 -20.79 8.81
C6 NAG B . 14.34 -22.18 9.42
C7 NAG B . 14.22 -15.43 8.94
C8 NAG B . 13.88 -14.19 8.12
N2 NAG B . 14.02 -16.61 8.34
O3 NAG B . 16.49 -17.97 7.87
O4 NAG B . 16.32 -20.84 7.70
O5 NAG B . 13.36 -20.02 9.67
O6 NAG B . 15.01 -22.15 10.68
O7 NAG B . 14.63 -15.35 10.10
H1 NAG B . 12.55 -18.77 8.32
H2 NAG B . 14.74 -17.75 9.80
H3 NAG B . 14.86 -18.80 7.17
H4 NAG B . 16.01 -19.98 9.47
H5 NAG B . 13.77 -20.89 7.94
H61 NAG B . 14.86 -22.74 8.80
H62 NAG B . 13.46 -22.56 9.54
H81 NAG B . 12.92 -14.13 8.00
H82 NAG B . 14.20 -13.40 8.59
H83 NAG B . 14.32 -14.25 7.26
HN2 NAG B . 13.68 -16.60 7.49
C1 NAG B . 17.40 -21.54 8.35
C2 NAG B . 17.99 -22.63 7.38
C3 NAG B . 19.30 -23.20 7.93
C4 NAG B . 20.27 -22.09 8.27
C5 NAG B . 19.59 -21.32 9.39
C6 NAG B . 20.48 -20.34 10.10
C7 NAG B . 16.22 -23.83 6.13
C8 NAG B . 15.39 -25.08 6.10
N2 NAG B . 17.04 -23.71 7.18
O3 NAG B . 19.87 -24.12 7.00
O4 NAG B . 21.52 -22.60 8.69
O5 NAG B . 18.47 -20.63 8.82
O6 NAG B . 19.74 -19.54 11.02
O7 NAG B . 16.14 -22.96 5.27
H1 NAG B . 17.03 -22.00 9.12
H2 NAG B . 18.17 -22.17 6.54
H3 NAG B . 19.10 -23.70 8.74
H4 NAG B . 20.47 -21.52 7.52
H5 NAG B . 19.28 -21.93 10.08
H61 NAG B . 20.90 -19.75 9.45
H62 NAG B . 21.17 -20.81 10.59
H81 NAG B . 14.84 -25.13 6.91
H82 NAG B . 14.81 -25.07 5.31
H83 NAG B . 15.98 -25.87 6.06
HN2 NAG B . 17.02 -24.37 7.81
CU CU1 C . -3.40 2.24 -9.98
CA CA D . 2.78 1.96 -1.63
CA CA D . 1.70 1.76 -3.06
CA CA E . 8.00 0.28 -12.59
#